data_8JZ6
#
_entry.id   8JZ6
#
_cell.length_a   60.079
_cell.length_b   75.469
_cell.length_c   143.904
_cell.angle_alpha   90.00
_cell.angle_beta   90.00
_cell.angle_gamma   90.00
#
_symmetry.space_group_name_H-M   'P 21 21 21'
#
loop_
_entity.id
_entity.type
_entity.pdbx_description
1 polymer AetF
2 non-polymer 'FLAVIN-ADENINE DINUCLEOTIDE'
3 non-polymer 'NADP NICOTINAMIDE-ADENINE-DINUCLEOTIDE PHOSPHATE'
4 water water
#
_entity_poly.entity_id   1
_entity_poly.type   'polypeptide(L)'
_entity_poly.pdbx_seq_one_letter_code
;GAGAGAGAGAGMLEVCIIGFGFSAIPLVRELARTQTEFQIISAESGSVWDRLSESGRLDFSLVSSFQTSFYSFDLVRDYE
KDYYPTAKQFYEMHERWRSVYEEKIIRDFVTKIENFKDYSLISTRSGKTYEAKHVVLATGFDRLMNTFLSNFDNHVSNKT
FVFDTMGDSANLLIAKLIPNNNKIILRTNGFTALDQEVQVLGKPFTLDQLESPNFRYVSSELYDRLMMSPVYPRTVNPAV
SYNQFPLIRRDFSWVDSKSSPPNGLIAIKYWPIDQYYYHFNDDLENYISKGYLLNDIAMWLHTGKVILVPSDTPINFDKK
TITYAGIERSFHQYVKGDAEQPRLPTILINGETPFEYLYRDTFMGVIPQRLNNIYFLGYTRPFTGGLANITEMQSLFIHK
LITQPQFHQKIHQNLSKRITAYNQHYYGAAKPRKHDHTVPFGFYTEDIARLIGIHYQPNECRSVRDLLFYYAFPNNAFKY
RLKGEYAVDGVDELIQKVNDKHDHYAQVFVQALSIRNMNSDEAAEWDHSARRFSFNDMRHKEGYRAFLDTYLKAYRQVEN
ISVDDTVVDEEWNFMVKEACQVRDKVAPNIEEKTHYSKDEDVNKGIRLILSILDSDISSLPDSNGSRGSGNLKEGDRLCK
FEAQSIEFIRRLLQPKNYELLFIRESTVSPGSHRHGETA
;
_entity_poly.pdbx_strand_id   A
#
# COMPACT_ATOMS: atom_id res chain seq x y z
N MET A 12 21.48 -33.57 2.13
CA MET A 12 21.11 -32.55 1.07
C MET A 12 20.52 -31.26 1.70
N LEU A 13 20.91 -30.12 1.12
CA LEU A 13 20.47 -28.73 1.47
C LEU A 13 18.95 -28.70 1.63
N GLU A 14 18.45 -28.26 2.79
CA GLU A 14 17.01 -28.25 3.13
C GLU A 14 16.37 -27.07 2.38
N VAL A 15 17.04 -25.90 2.39
CA VAL A 15 16.42 -24.63 1.91
C VAL A 15 17.40 -23.82 1.07
N CYS A 16 16.90 -23.35 -0.07
CA CYS A 16 17.58 -22.33 -0.90
C CYS A 16 16.66 -21.13 -1.07
N ILE A 17 17.14 -19.98 -0.63
CA ILE A 17 16.52 -18.64 -0.83
C ILE A 17 17.21 -18.04 -2.04
N ILE A 18 16.50 -17.85 -3.14
CA ILE A 18 17.03 -17.13 -4.33
C ILE A 18 16.61 -15.66 -4.24
N GLY A 19 17.59 -14.76 -4.13
CA GLY A 19 17.42 -13.30 -4.09
C GLY A 19 17.23 -12.84 -2.66
N PHE A 20 18.06 -11.88 -2.21
CA PHE A 20 18.00 -11.30 -0.85
C PHE A 20 18.03 -9.78 -0.94
N GLY A 21 16.89 -9.17 -0.70
CA GLY A 21 16.75 -7.70 -0.65
C GLY A 21 16.19 -7.28 0.69
N PHE A 22 14.90 -7.59 0.91
CA PHE A 22 14.08 -7.05 2.03
C PHE A 22 13.00 -8.08 2.40
N SER A 23 12.18 -8.52 1.43
CA SER A 23 11.16 -9.61 1.52
C SER A 23 11.60 -10.82 2.37
N ALA A 24 12.86 -11.20 2.22
CA ALA A 24 13.44 -12.47 2.68
C ALA A 24 13.98 -12.32 4.11
N ILE A 25 14.30 -11.11 4.58
CA ILE A 25 14.92 -10.89 5.93
C ILE A 25 14.17 -11.68 7.01
N PRO A 26 12.82 -11.59 7.16
CA PRO A 26 12.13 -12.21 8.30
C PRO A 26 12.14 -13.74 8.28
N LEU A 27 12.04 -14.32 7.08
CA LEU A 27 12.04 -15.78 6.86
C LEU A 27 13.45 -16.26 7.21
N VAL A 28 14.47 -15.57 6.69
CA VAL A 28 15.89 -15.88 7.01
C VAL A 28 16.06 -15.78 8.52
N ARG A 29 15.46 -14.78 9.15
CA ARG A 29 15.57 -14.69 10.62
C ARG A 29 14.98 -15.98 11.22
N GLU A 30 13.85 -16.46 10.69
CA GLU A 30 13.13 -17.61 11.29
C GLU A 30 13.91 -18.89 11.04
N LEU A 31 14.71 -18.95 9.98
CA LEU A 31 15.46 -20.17 9.65
C LEU A 31 16.65 -20.34 10.60
N ALA A 32 17.47 -19.30 10.71
CA ALA A 32 18.50 -19.14 11.77
C ALA A 32 17.95 -19.61 13.09
N ARG A 33 16.76 -19.12 13.51
CA ARG A 33 16.18 -19.37 14.85
C ARG A 33 16.03 -20.88 15.08
N THR A 34 15.28 -21.54 14.20
CA THR A 34 15.02 -23.00 14.21
C THR A 34 16.26 -23.79 13.73
N GLN A 35 17.35 -23.13 13.37
CA GLN A 35 18.58 -23.77 12.85
C GLN A 35 18.19 -24.76 11.74
N THR A 36 17.44 -24.30 10.74
CA THR A 36 17.22 -25.01 9.46
C THR A 36 18.44 -24.74 8.58
N GLU A 37 18.91 -25.75 7.84
CA GLU A 37 20.10 -25.60 6.96
C GLU A 37 19.64 -24.77 5.76
N PHE A 38 20.09 -23.52 5.61
CA PHE A 38 19.71 -22.71 4.43
C PHE A 38 20.94 -22.12 3.76
N GLN A 39 20.83 -21.93 2.44
CA GLN A 39 21.69 -21.09 1.61
C GLN A 39 20.85 -19.98 0.97
N ILE A 40 21.47 -18.83 0.75
CA ILE A 40 20.95 -17.70 -0.06
C ILE A 40 21.84 -17.65 -1.30
N ILE A 41 21.22 -17.53 -2.46
CA ILE A 41 21.85 -17.15 -3.75
C ILE A 41 21.23 -15.82 -4.13
N SER A 42 22.03 -14.83 -4.52
CA SER A 42 21.53 -13.47 -4.81
C SER A 42 22.59 -12.70 -5.60
N ALA A 43 22.13 -12.08 -6.69
CA ALA A 43 22.93 -11.33 -7.70
C ALA A 43 23.93 -10.38 -7.05
N GLU A 44 25.13 -10.25 -7.65
CA GLU A 44 26.20 -9.30 -7.24
C GLU A 44 25.67 -7.87 -7.46
N SER A 45 24.98 -7.65 -8.57
CA SER A 45 24.43 -6.33 -8.98
C SER A 45 23.60 -5.68 -7.85
N GLY A 46 22.78 -6.47 -7.13
CA GLY A 46 21.80 -5.94 -6.17
C GLY A 46 20.56 -5.43 -6.87
N SER A 47 19.86 -4.44 -6.27
CA SER A 47 18.46 -4.06 -6.61
C SER A 47 18.38 -2.62 -7.13
N VAL A 48 17.15 -2.10 -7.30
CA VAL A 48 16.86 -0.71 -7.78
C VAL A 48 17.54 0.27 -6.84
N TRP A 49 17.70 -0.15 -5.58
CA TRP A 49 18.04 0.72 -4.44
C TRP A 49 19.52 1.06 -4.50
N ASP A 50 20.33 0.07 -4.86
CA ASP A 50 21.81 0.20 -4.96
C ASP A 50 22.08 1.08 -6.20
N ARG A 51 21.26 0.97 -7.23
CA ARG A 51 21.10 1.97 -8.33
C ARG A 51 21.02 3.37 -7.70
N LEU A 52 19.87 3.69 -7.08
CA LEU A 52 19.54 4.98 -6.42
C LEU A 52 20.64 5.40 -5.45
N SER A 53 21.35 4.47 -4.84
CA SER A 53 22.52 4.79 -3.99
C SER A 53 23.71 5.31 -4.84
N GLU A 54 23.99 4.70 -5.99
CA GLU A 54 25.19 5.01 -6.83
C GLU A 54 25.02 6.34 -7.54
N SER A 55 23.87 6.48 -8.20
CA SER A 55 23.47 7.67 -8.99
C SER A 55 23.21 8.89 -8.09
N GLY A 56 23.23 8.71 -6.77
CA GLY A 56 22.91 9.74 -5.75
C GLY A 56 21.41 9.94 -5.57
N ARG A 57 20.57 9.06 -6.11
CA ARG A 57 19.11 9.30 -6.30
C ARG A 57 18.25 8.78 -5.13
N LEU A 58 18.73 8.78 -3.89
CA LEU A 58 17.93 8.32 -2.72
C LEU A 58 17.13 9.49 -2.15
N ASP A 59 16.98 10.55 -2.95
CA ASP A 59 16.45 11.86 -2.51
C ASP A 59 14.93 11.83 -2.54
N PHE A 60 14.28 10.87 -1.89
CA PHE A 60 12.81 10.84 -1.71
C PHE A 60 12.43 10.11 -0.42
N SER A 61 11.13 9.97 -0.14
CA SER A 61 10.59 9.24 1.06
C SER A 61 9.51 8.20 0.67
N LEU A 62 9.31 7.20 1.52
CA LEU A 62 8.27 6.14 1.36
C LEU A 62 6.87 6.76 1.39
N VAL A 63 5.91 6.08 0.80
CA VAL A 63 4.48 6.48 0.82
C VAL A 63 3.83 5.85 2.06
N SER A 64 4.60 5.09 2.87
CA SER A 64 4.14 4.17 3.95
C SER A 64 4.81 4.52 5.29
N SER A 65 4.08 4.28 6.37
CA SER A 65 4.44 4.52 7.79
C SER A 65 5.41 3.46 8.31
N PHE A 66 6.42 3.90 9.05
CA PHE A 66 7.35 3.06 9.86
C PHE A 66 6.69 1.76 10.31
N GLN A 67 5.53 1.86 10.95
CA GLN A 67 4.83 0.76 11.67
C GLN A 67 4.46 -0.36 10.71
N THR A 68 4.43 -0.07 9.40
CA THR A 68 3.96 -1.02 8.35
C THR A 68 5.01 -1.24 7.27
N SER A 69 6.23 -0.75 7.44
CA SER A 69 7.25 -0.69 6.35
C SER A 69 8.58 -1.28 6.80
N PHE A 70 8.67 -1.61 8.08
CA PHE A 70 9.86 -2.08 8.80
C PHE A 70 9.39 -3.23 9.69
N TYR A 71 10.25 -4.22 9.93
CA TYR A 71 9.79 -5.51 10.47
C TYR A 71 9.73 -5.40 11.99
N SER A 72 8.87 -6.22 12.60
CA SER A 72 8.60 -6.28 14.06
C SER A 72 9.89 -6.23 14.88
N PHE A 73 10.97 -6.89 14.45
CA PHE A 73 12.16 -7.09 15.31
C PHE A 73 13.08 -5.88 15.22
N ASP A 74 12.71 -4.91 14.37
CA ASP A 74 13.30 -3.54 14.32
C ASP A 74 12.42 -2.54 15.08
N LEU A 75 11.11 -2.61 14.87
CA LEU A 75 10.11 -1.66 15.45
C LEU A 75 10.20 -1.73 16.97
N VAL A 76 10.29 -2.95 17.45
CA VAL A 76 10.50 -3.31 18.87
C VAL A 76 11.56 -2.44 19.56
N ARG A 77 12.59 -1.96 18.87
CA ARG A 77 13.66 -1.15 19.53
C ARG A 77 13.80 0.26 18.93
N ASP A 78 13.25 0.53 17.73
CA ASP A 78 13.43 1.82 17.01
C ASP A 78 12.15 2.68 17.04
N TYR A 79 11.01 2.11 17.43
CA TYR A 79 9.70 2.82 17.40
C TYR A 79 9.52 3.70 18.64
N GLU A 80 9.49 5.02 18.42
CA GLU A 80 9.03 6.03 19.41
C GLU A 80 7.72 6.67 18.91
N LYS A 81 7.71 7.13 17.65
CA LYS A 81 6.55 7.80 17.03
C LYS A 81 6.41 7.34 15.58
N ASP A 82 5.17 7.42 15.06
CA ASP A 82 4.81 7.28 13.63
C ASP A 82 5.55 8.35 12.84
N TYR A 83 6.38 7.96 11.88
CA TYR A 83 6.87 8.84 10.80
C TYR A 83 6.91 8.09 9.47
N TYR A 84 7.05 8.87 8.39
CA TYR A 84 7.39 8.37 7.05
C TYR A 84 8.91 8.28 6.92
N PRO A 85 9.45 7.05 6.76
CA PRO A 85 10.87 6.86 6.52
C PRO A 85 11.28 7.40 5.15
N THR A 86 12.54 7.82 5.05
CA THR A 86 13.22 8.17 3.78
C THR A 86 13.65 6.89 3.06
N ALA A 87 13.78 6.96 1.74
CA ALA A 87 14.37 5.92 0.87
C ALA A 87 15.75 5.54 1.43
N LYS A 88 16.49 6.51 1.96
CA LYS A 88 17.84 6.33 2.56
C LYS A 88 17.76 5.41 3.77
N GLN A 89 16.81 5.68 4.66
CA GLN A 89 16.63 4.94 5.93
C GLN A 89 16.28 3.49 5.58
N PHE A 90 15.42 3.33 4.56
CA PHE A 90 14.90 2.02 4.08
C PHE A 90 16.05 1.20 3.48
N TYR A 91 16.81 1.79 2.58
CA TYR A 91 18.06 1.22 2.00
C TYR A 91 19.06 0.87 3.11
N GLU A 92 19.32 1.82 4.01
CA GLU A 92 20.24 1.61 5.17
C GLU A 92 19.81 0.37 5.95
N MET A 93 18.50 0.15 6.13
CA MET A 93 18.00 -1.01 6.93
C MET A 93 18.23 -2.32 6.15
N HIS A 94 18.05 -2.33 4.84
CA HIS A 94 18.44 -3.44 3.94
C HIS A 94 19.94 -3.77 4.04
N GLU A 95 20.84 -2.77 4.08
CA GLU A 95 22.31 -3.01 4.04
C GLU A 95 22.78 -3.57 5.38
N ARG A 96 22.09 -3.23 6.47
CA ARG A 96 22.31 -3.69 7.86
C ARG A 96 21.99 -5.20 7.95
N TRP A 97 20.82 -5.61 7.46
CA TRP A 97 20.39 -7.03 7.49
C TRP A 97 21.16 -7.84 6.45
N ARG A 98 21.44 -7.30 5.27
CA ARG A 98 22.51 -7.77 4.33
C ARG A 98 23.79 -8.14 5.10
N SER A 99 24.30 -7.23 5.93
CA SER A 99 25.60 -7.35 6.65
C SER A 99 25.60 -8.57 7.58
N VAL A 100 24.58 -8.71 8.42
CA VAL A 100 24.29 -9.84 9.33
C VAL A 100 24.35 -11.18 8.58
N TYR A 101 23.79 -11.26 7.37
CA TYR A 101 23.58 -12.55 6.67
C TYR A 101 24.54 -12.73 5.48
N GLU A 102 25.49 -11.80 5.23
CA GLU A 102 26.35 -11.81 4.01
C GLU A 102 27.12 -13.13 3.88
N GLU A 103 27.50 -13.78 4.99
CA GLU A 103 28.24 -15.08 5.02
C GLU A 103 27.42 -16.21 4.39
N LYS A 104 26.10 -16.07 4.37
CA LYS A 104 25.16 -17.15 4.01
C LYS A 104 24.70 -16.91 2.57
N ILE A 105 25.06 -15.74 2.04
CA ILE A 105 24.71 -15.31 0.65
C ILE A 105 25.83 -15.75 -0.30
N ILE A 106 25.45 -16.52 -1.31
CA ILE A 106 26.25 -16.78 -2.54
C ILE A 106 25.86 -15.72 -3.57
N ARG A 107 26.86 -14.99 -4.07
CA ARG A 107 26.71 -13.97 -5.12
C ARG A 107 26.75 -14.68 -6.47
N ASP A 108 25.59 -14.83 -7.11
CA ASP A 108 25.38 -15.59 -8.36
C ASP A 108 23.94 -15.33 -8.86
N PHE A 109 23.71 -15.45 -10.16
CA PHE A 109 22.38 -15.23 -10.76
C PHE A 109 21.76 -16.60 -11.10
N VAL A 110 20.56 -16.92 -10.63
CA VAL A 110 20.00 -18.23 -11.09
C VAL A 110 19.13 -18.02 -12.31
N THR A 111 19.41 -18.86 -13.30
CA THR A 111 18.92 -18.80 -14.69
C THR A 111 17.85 -19.87 -14.90
N LYS A 112 17.78 -20.88 -14.03
CA LYS A 112 16.86 -22.01 -14.22
C LYS A 112 16.74 -22.78 -12.92
N ILE A 113 15.50 -23.23 -12.65
CA ILE A 113 15.16 -24.25 -11.60
C ILE A 113 14.40 -25.43 -12.23
N GLU A 114 14.98 -26.63 -12.15
CA GLU A 114 14.36 -27.92 -12.53
C GLU A 114 13.73 -28.52 -11.28
N ASN A 115 12.41 -28.48 -11.18
CA ASN A 115 11.64 -28.95 -10.01
C ASN A 115 11.26 -30.42 -10.21
N PHE A 116 11.59 -31.26 -9.23
CA PHE A 116 11.25 -32.70 -9.17
C PHE A 116 10.33 -32.94 -7.97
N LYS A 117 10.00 -34.20 -7.68
CA LYS A 117 9.03 -34.60 -6.63
C LYS A 117 9.51 -34.09 -5.26
N ASP A 118 10.78 -34.35 -4.93
CA ASP A 118 11.34 -34.15 -3.56
C ASP A 118 12.16 -32.85 -3.45
N TYR A 119 12.56 -32.25 -4.57
CA TYR A 119 13.66 -31.26 -4.61
C TYR A 119 13.74 -30.59 -5.98
N SER A 120 14.55 -29.55 -6.06
CA SER A 120 14.79 -28.81 -7.34
C SER A 120 16.30 -28.68 -7.59
N LEU A 121 16.69 -28.60 -8.86
CA LEU A 121 18.09 -28.39 -9.27
C LEU A 121 18.21 -26.98 -9.83
N ILE A 122 19.06 -26.15 -9.19
CA ILE A 122 19.28 -24.70 -9.44
C ILE A 122 20.56 -24.50 -10.27
N SER A 123 20.42 -24.02 -11.49
CA SER A 123 21.53 -23.57 -12.36
C SER A 123 21.77 -22.06 -12.20
N THR A 124 23.05 -21.69 -12.13
CA THR A 124 23.50 -20.28 -12.05
C THR A 124 24.27 -19.92 -13.33
N ARG A 125 24.54 -18.62 -13.50
CA ARG A 125 25.33 -18.04 -14.62
C ARG A 125 26.79 -18.48 -14.48
N SER A 126 27.27 -18.61 -13.24
CA SER A 126 28.64 -19.08 -12.95
C SER A 126 28.81 -20.42 -13.64
N GLY A 127 27.71 -21.18 -13.70
CA GLY A 127 27.70 -22.60 -14.13
C GLY A 127 27.55 -23.55 -12.95
N LYS A 128 27.73 -23.05 -11.72
CA LYS A 128 27.54 -23.85 -10.48
C LYS A 128 26.08 -24.31 -10.37
N THR A 129 25.89 -25.49 -9.79
CA THR A 129 24.60 -26.20 -9.68
C THR A 129 24.37 -26.44 -8.17
N TYR A 130 23.10 -26.52 -7.74
CA TYR A 130 22.72 -26.70 -6.32
C TYR A 130 21.47 -27.58 -6.28
N GLU A 131 21.41 -28.50 -5.33
CA GLU A 131 20.18 -29.30 -5.06
C GLU A 131 19.61 -28.78 -3.74
N ALA A 132 18.30 -28.49 -3.73
CA ALA A 132 17.56 -27.97 -2.54
C ALA A 132 16.20 -28.66 -2.44
N LYS A 133 15.87 -29.12 -1.23
CA LYS A 133 14.60 -29.79 -0.87
C LYS A 133 13.47 -28.78 -1.11
N HIS A 134 13.56 -27.62 -0.41
CA HIS A 134 12.66 -26.47 -0.56
C HIS A 134 13.38 -25.31 -1.24
N VAL A 135 12.66 -24.52 -2.00
CA VAL A 135 13.25 -23.34 -2.67
C VAL A 135 12.32 -22.15 -2.46
N VAL A 136 12.90 -20.99 -2.15
CA VAL A 136 12.11 -19.74 -2.03
C VAL A 136 12.68 -18.67 -2.94
N LEU A 137 11.80 -18.17 -3.81
CA LEU A 137 12.01 -17.03 -4.73
C LEU A 137 11.64 -15.74 -3.99
N ALA A 138 12.61 -14.88 -3.70
CA ALA A 138 12.35 -13.50 -3.20
C ALA A 138 13.10 -12.46 -4.05
N THR A 139 12.80 -12.46 -5.36
CA THR A 139 13.60 -11.84 -6.46
C THR A 139 13.00 -10.50 -6.90
N GLY A 140 11.86 -10.09 -6.35
CA GLY A 140 11.28 -8.79 -6.68
C GLY A 140 10.63 -8.77 -8.06
N PHE A 141 10.40 -7.55 -8.56
CA PHE A 141 9.75 -7.20 -9.85
C PHE A 141 10.72 -6.40 -10.73
N ASP A 142 10.60 -6.52 -12.06
CA ASP A 142 11.19 -5.59 -13.08
C ASP A 142 10.20 -4.42 -13.28
N ARG A 143 10.66 -3.16 -13.16
CA ARG A 143 9.77 -1.97 -13.22
C ARG A 143 10.36 -0.92 -14.16
N LEU A 144 9.55 -0.49 -15.13
CA LEU A 144 9.94 0.38 -16.28
C LEU A 144 10.28 1.79 -15.81
N MET A 145 9.52 2.36 -14.87
CA MET A 145 9.76 3.74 -14.39
C MET A 145 11.02 3.79 -13.52
N ASN A 146 11.52 2.63 -13.11
CA ASN A 146 12.84 2.52 -12.44
C ASN A 146 13.84 3.31 -13.28
N THR A 147 13.79 3.12 -14.59
CA THR A 147 14.62 3.83 -15.60
C THR A 147 14.51 5.34 -15.36
N PHE A 148 13.29 5.87 -15.38
CA PHE A 148 12.99 7.30 -15.16
C PHE A 148 13.50 7.72 -13.78
N LEU A 149 13.34 6.83 -12.80
CA LEU A 149 13.68 7.15 -11.40
C LEU A 149 15.19 7.07 -11.20
N SER A 150 15.80 5.96 -11.64
CA SER A 150 17.28 5.70 -11.57
C SER A 150 18.01 6.64 -12.53
N ASN A 151 17.37 6.98 -13.66
CA ASN A 151 17.96 7.78 -14.77
C ASN A 151 16.92 8.81 -15.24
N PHE A 152 17.30 10.08 -15.19
CA PHE A 152 16.44 11.30 -15.09
C PHE A 152 17.31 12.49 -15.54
N ASP A 153 16.79 13.71 -15.53
CA ASP A 153 17.62 14.95 -15.43
C ASP A 153 16.70 16.10 -14.98
N ASN A 154 17.07 16.75 -13.88
CA ASN A 154 16.39 17.96 -13.37
C ASN A 154 17.04 19.18 -14.02
N HIS A 155 17.14 19.20 -15.35
CA HIS A 155 17.59 20.39 -16.12
C HIS A 155 16.51 20.79 -17.13
N VAL A 156 15.73 19.82 -17.62
CA VAL A 156 14.51 20.09 -18.43
C VAL A 156 13.56 20.95 -17.56
N SER A 157 13.12 22.09 -18.10
CA SER A 157 12.20 23.08 -17.46
C SER A 157 11.24 23.62 -18.52
N ASN A 158 9.99 23.92 -18.15
CA ASN A 158 9.02 24.59 -19.06
C ASN A 158 8.57 23.64 -20.17
N LYS A 159 9.05 22.40 -20.18
CA LYS A 159 8.68 21.41 -21.23
C LYS A 159 7.30 20.87 -20.84
N THR A 160 6.71 20.04 -21.71
CA THR A 160 5.39 19.40 -21.49
C THR A 160 5.58 17.88 -21.50
N PHE A 161 4.85 17.19 -20.61
CA PHE A 161 4.87 15.74 -20.38
C PHE A 161 3.44 15.21 -20.44
N VAL A 162 3.24 14.08 -21.13
CA VAL A 162 1.96 13.34 -21.16
C VAL A 162 2.21 11.99 -20.47
N PHE A 163 1.33 11.58 -19.55
CA PHE A 163 1.35 10.23 -18.92
C PHE A 163 0.05 9.49 -19.24
N ASP A 164 0.14 8.32 -19.89
CA ASP A 164 -1.01 7.41 -20.12
C ASP A 164 -1.35 6.66 -18.82
N THR A 165 -0.52 6.78 -17.79
CA THR A 165 -0.73 6.06 -16.52
C THR A 165 -0.38 6.98 -15.32
N MET A 166 -1.12 6.84 -14.23
CA MET A 166 -0.86 7.49 -12.91
C MET A 166 -0.65 6.39 -11.85
N GLY A 167 0.26 6.63 -10.90
CA GLY A 167 0.72 5.72 -9.83
C GLY A 167 1.75 6.43 -8.97
N ASP A 168 2.18 5.81 -7.87
CA ASP A 168 3.07 6.47 -6.87
C ASP A 168 4.39 6.89 -7.49
N SER A 169 4.87 6.18 -8.52
CA SER A 169 6.17 6.51 -9.17
C SER A 169 5.94 7.66 -10.17
N ALA A 170 4.86 7.62 -10.95
CA ALA A 170 4.44 8.74 -11.82
C ALA A 170 4.28 9.99 -10.95
N ASN A 171 3.68 9.83 -9.77
CA ASN A 171 3.43 10.93 -8.80
C ASN A 171 4.78 11.45 -8.27
N LEU A 172 5.74 10.56 -7.97
CA LEU A 172 7.08 10.99 -7.48
C LEU A 172 7.80 11.84 -8.55
N LEU A 173 7.71 11.45 -9.80
CA LEU A 173 8.29 12.18 -10.95
C LEU A 173 7.55 13.50 -11.19
N ILE A 174 6.23 13.56 -10.97
CA ILE A 174 5.44 14.81 -11.11
C ILE A 174 5.88 15.79 -10.01
N ALA A 175 6.31 15.27 -8.89
CA ALA A 175 6.70 16.08 -7.73
C ALA A 175 8.02 16.78 -8.06
N LYS A 176 8.87 16.11 -8.86
CA LYS A 176 10.25 16.54 -9.18
C LYS A 176 10.26 17.47 -10.40
N LEU A 177 9.26 17.35 -11.28
CA LEU A 177 9.06 18.22 -12.48
C LEU A 177 8.48 19.59 -12.10
N ILE A 178 7.37 19.63 -11.36
CA ILE A 178 6.56 20.86 -11.12
C ILE A 178 7.46 22.02 -10.71
N PRO A 179 8.43 21.83 -9.79
CA PRO A 179 9.30 22.94 -9.41
C PRO A 179 10.10 23.55 -10.58
N ASN A 180 10.24 22.84 -11.69
CA ASN A 180 10.93 23.34 -12.92
C ASN A 180 9.90 23.87 -13.93
N ASN A 181 8.78 24.41 -13.41
CA ASN A 181 7.63 24.93 -14.18
C ASN A 181 7.33 24.01 -15.40
N ASN A 182 7.44 22.71 -15.21
CA ASN A 182 7.02 21.71 -16.24
C ASN A 182 5.49 21.58 -16.14
N LYS A 183 4.86 21.34 -17.28
CA LYS A 183 3.38 21.29 -17.44
C LYS A 183 2.99 19.82 -17.55
N ILE A 184 2.01 19.35 -16.79
CA ILE A 184 1.69 17.90 -16.69
C ILE A 184 0.29 17.64 -17.23
N ILE A 185 0.16 16.67 -18.13
CA ILE A 185 -1.13 16.16 -18.62
C ILE A 185 -1.21 14.69 -18.24
N LEU A 186 -2.32 14.30 -17.63
CA LEU A 186 -2.68 12.89 -17.38
C LEU A 186 -3.76 12.48 -18.39
N ARG A 187 -3.39 11.72 -19.41
CA ARG A 187 -4.34 11.03 -20.33
C ARG A 187 -4.63 9.64 -19.77
N THR A 188 -5.57 9.51 -18.84
CA THR A 188 -5.77 8.22 -18.14
C THR A 188 -7.25 7.86 -18.12
N ASN A 189 -7.53 6.59 -17.81
CA ASN A 189 -8.89 6.05 -17.55
C ASN A 189 -9.31 6.37 -16.10
N GLY A 190 -8.89 7.52 -15.56
CA GLY A 190 -9.06 7.88 -14.14
C GLY A 190 -8.12 7.11 -13.22
N PHE A 191 -8.17 7.40 -11.91
CA PHE A 191 -7.33 6.77 -10.84
C PHE A 191 -7.93 6.99 -9.43
N THR A 192 -7.56 6.12 -8.46
CA THR A 192 -7.79 6.21 -7.00
C THR A 192 -6.58 6.81 -6.25
N ALA A 193 -6.66 8.04 -5.74
CA ALA A 193 -5.62 8.70 -4.90
C ALA A 193 -6.19 9.10 -3.54
N LEU A 194 -5.39 8.91 -2.48
CA LEU A 194 -5.83 9.04 -1.08
C LEU A 194 -4.72 9.72 -0.27
N ASP A 195 -5.09 10.77 0.47
CA ASP A 195 -4.26 11.42 1.51
C ASP A 195 -3.60 10.28 2.34
N GLN A 196 -2.27 10.28 2.42
CA GLN A 196 -1.50 9.25 3.16
C GLN A 196 -1.62 9.53 4.66
N GLU A 197 -2.02 10.76 5.01
CA GLU A 197 -2.16 11.20 6.42
C GLU A 197 -3.49 11.95 6.61
N VAL A 198 -4.03 11.86 7.81
CA VAL A 198 -5.40 12.32 8.15
C VAL A 198 -5.32 12.95 9.54
N GLN A 199 -5.67 14.23 9.64
CA GLN A 199 -5.90 14.93 10.92
C GLN A 199 -7.14 14.26 11.52
N VAL A 200 -7.03 13.59 12.66
CA VAL A 200 -8.20 13.05 13.42
C VAL A 200 -8.24 13.77 14.76
N LEU A 201 -9.21 14.68 14.90
CA LEU A 201 -9.37 15.67 16.01
C LEU A 201 -7.98 16.19 16.43
N GLY A 202 -7.20 16.69 15.49
CA GLY A 202 -5.93 17.39 15.78
C GLY A 202 -4.73 16.48 15.64
N LYS A 203 -4.89 15.19 15.96
CA LYS A 203 -3.80 14.18 15.95
C LYS A 203 -3.67 13.63 14.52
N PRO A 204 -2.43 13.46 13.98
CA PRO A 204 -2.22 12.87 12.66
C PRO A 204 -2.16 11.33 12.69
N PHE A 205 -2.87 10.68 11.76
CA PHE A 205 -2.98 9.21 11.59
C PHE A 205 -2.58 8.89 10.17
N THR A 206 -1.97 7.76 9.91
CA THR A 206 -1.70 7.35 8.50
C THR A 206 -3.01 6.73 8.00
N LEU A 207 -3.25 6.69 6.70
CA LEU A 207 -4.49 6.06 6.18
C LEU A 207 -4.60 4.61 6.65
N ASP A 208 -3.51 3.87 6.74
CA ASP A 208 -3.47 2.42 7.11
C ASP A 208 -4.06 2.26 8.50
N GLN A 209 -3.78 3.24 9.36
CA GLN A 209 -4.22 3.24 10.77
C GLN A 209 -5.74 3.38 10.92
N LEU A 210 -6.54 3.57 9.87
CA LEU A 210 -7.99 3.79 10.06
C LEU A 210 -8.85 2.74 9.34
N GLU A 211 -8.35 1.57 8.95
CA GLU A 211 -9.18 0.63 8.11
C GLU A 211 -9.98 -0.38 8.96
N SER A 212 -9.60 -0.59 10.23
CA SER A 212 -10.25 -1.55 11.16
C SER A 212 -10.83 -2.73 10.37
N PRO A 213 -9.98 -3.51 9.69
CA PRO A 213 -10.44 -4.50 8.72
C PRO A 213 -11.26 -5.68 9.27
N ASN A 214 -11.02 -6.09 10.52
CA ASN A 214 -11.81 -7.17 11.18
C ASN A 214 -13.32 -6.79 11.21
N PHE A 215 -13.70 -5.53 11.01
CA PHE A 215 -15.13 -5.14 10.93
C PHE A 215 -15.81 -5.82 9.74
N ARG A 216 -15.09 -6.41 8.79
CA ARG A 216 -15.68 -7.21 7.67
C ARG A 216 -16.40 -8.45 8.21
N TYR A 217 -16.07 -8.91 9.42
CA TYR A 217 -16.61 -10.13 10.09
C TYR A 217 -18.02 -9.83 10.63
N VAL A 218 -18.29 -8.57 11.01
CA VAL A 218 -19.62 -8.11 11.50
C VAL A 218 -20.55 -8.18 10.29
N SER A 219 -20.10 -7.67 9.14
CA SER A 219 -20.81 -7.78 7.82
C SER A 219 -20.00 -7.06 6.75
N SER A 220 -19.95 -7.65 5.56
CA SER A 220 -19.24 -7.10 4.38
C SER A 220 -19.84 -5.74 4.01
N GLU A 221 -21.14 -5.55 4.26
CA GLU A 221 -21.92 -4.36 3.87
C GLU A 221 -21.61 -3.23 4.86
N LEU A 222 -21.66 -3.52 6.17
CA LEU A 222 -21.13 -2.60 7.21
C LEU A 222 -19.73 -2.11 6.76
N TYR A 223 -18.84 -3.02 6.39
CA TYR A 223 -17.44 -2.65 6.07
C TYR A 223 -17.41 -1.82 4.79
N ASP A 224 -18.04 -2.32 3.72
CA ASP A 224 -18.16 -1.61 2.43
C ASP A 224 -18.43 -0.10 2.64
N ARG A 225 -19.49 0.28 3.36
CA ARG A 225 -19.95 1.68 3.43
C ARG A 225 -19.00 2.47 4.35
N LEU A 226 -18.33 1.79 5.26
CA LEU A 226 -17.31 2.41 6.11
C LEU A 226 -16.11 2.79 5.23
N MET A 227 -15.90 2.13 4.09
CA MET A 227 -14.57 2.06 3.45
C MET A 227 -14.52 2.72 2.07
N MET A 228 -15.58 2.58 1.27
CA MET A 228 -15.51 2.67 -0.21
C MET A 228 -16.06 4.01 -0.76
N SER A 229 -16.59 4.90 0.10
CA SER A 229 -17.14 6.23 -0.28
C SER A 229 -16.06 7.14 -0.89
N PRO A 230 -14.80 7.15 -0.40
CA PRO A 230 -13.72 7.91 -1.06
C PRO A 230 -13.23 7.32 -2.39
N VAL A 231 -13.59 6.08 -2.68
CA VAL A 231 -13.13 5.31 -3.88
C VAL A 231 -14.22 5.37 -4.96
N TYR A 232 -15.41 4.83 -4.65
CA TYR A 232 -16.62 4.91 -5.51
C TYR A 232 -17.32 6.25 -5.28
N PRO A 233 -17.83 6.89 -6.35
CA PRO A 233 -18.43 8.23 -6.23
C PRO A 233 -19.88 8.17 -5.70
N ARG A 234 -20.02 8.02 -4.38
CA ARG A 234 -21.32 7.75 -3.72
C ARG A 234 -21.82 9.03 -3.03
N THR A 235 -20.93 10.00 -2.78
CA THR A 235 -21.30 11.37 -2.33
C THR A 235 -21.40 12.30 -3.54
N VAL A 236 -22.34 13.23 -3.48
CA VAL A 236 -22.51 14.38 -4.41
C VAL A 236 -21.99 15.62 -3.67
N ASN A 237 -21.08 15.44 -2.71
CA ASN A 237 -20.46 16.59 -2.00
C ASN A 237 -19.44 17.20 -2.96
N PRO A 238 -19.57 18.51 -3.27
CA PRO A 238 -18.77 19.14 -4.32
C PRO A 238 -17.38 19.59 -3.85
N ALA A 239 -16.95 19.13 -2.68
CA ALA A 239 -15.57 19.35 -2.19
C ALA A 239 -14.69 18.16 -2.54
N VAL A 240 -15.27 17.02 -2.92
CA VAL A 240 -14.52 15.75 -3.19
C VAL A 240 -13.99 15.79 -4.62
N SER A 241 -12.68 15.65 -4.80
CA SER A 241 -12.07 15.81 -6.14
C SER A 241 -12.88 15.00 -7.16
N TYR A 242 -13.50 13.89 -6.81
CA TYR A 242 -14.12 13.02 -7.84
C TYR A 242 -15.42 13.66 -8.34
N ASN A 243 -15.99 14.60 -7.59
CA ASN A 243 -17.09 15.45 -8.10
C ASN A 243 -16.52 16.63 -8.90
N GLN A 244 -15.52 17.36 -8.37
CA GLN A 244 -14.95 18.52 -9.12
C GLN A 244 -14.20 18.09 -10.40
N PHE A 245 -13.50 16.95 -10.43
CA PHE A 245 -12.64 16.52 -11.56
C PHE A 245 -13.06 15.12 -12.02
N PRO A 246 -14.27 14.96 -12.61
CA PRO A 246 -14.84 13.65 -12.91
C PRO A 246 -14.01 12.70 -13.78
N LEU A 247 -12.90 13.20 -14.33
CA LEU A 247 -11.98 12.39 -15.16
C LEU A 247 -11.18 11.44 -14.26
N ILE A 248 -11.01 11.72 -12.96
CA ILE A 248 -10.31 10.77 -12.04
C ILE A 248 -11.16 9.52 -11.83
N ARG A 249 -12.40 9.49 -12.28
CA ARG A 249 -13.27 8.31 -12.01
C ARG A 249 -12.87 7.14 -12.92
N ARG A 250 -12.82 5.95 -12.31
CA ARG A 250 -12.53 4.67 -12.99
C ARG A 250 -13.82 3.90 -13.21
N ASP A 251 -13.82 2.99 -14.19
CA ASP A 251 -14.86 1.94 -14.31
C ASP A 251 -14.52 0.87 -13.29
N PHE A 252 -15.49 0.43 -12.48
CA PHE A 252 -15.30 -0.60 -11.43
C PHE A 252 -16.26 -1.79 -11.64
N SER A 253 -16.70 -1.98 -12.88
CA SER A 253 -17.72 -3.01 -13.25
C SER A 253 -17.08 -4.40 -13.20
N TRP A 254 -15.76 -4.49 -13.28
CA TRP A 254 -14.99 -5.76 -13.17
C TRP A 254 -15.17 -6.38 -11.78
N VAL A 255 -15.33 -5.54 -10.77
CA VAL A 255 -15.48 -5.97 -9.34
C VAL A 255 -16.70 -6.88 -9.21
N ASP A 256 -16.49 -8.15 -8.88
CA ASP A 256 -17.57 -9.14 -8.67
C ASP A 256 -17.32 -9.93 -7.37
N SER A 257 -17.09 -9.22 -6.27
CA SER A 257 -16.72 -9.78 -4.95
C SER A 257 -17.42 -9.01 -3.83
N LYS A 258 -17.88 -9.71 -2.79
CA LYS A 258 -18.50 -9.10 -1.58
C LYS A 258 -17.40 -8.52 -0.65
N SER A 259 -16.12 -8.88 -0.85
CA SER A 259 -14.96 -8.29 -0.10
C SER A 259 -14.65 -6.89 -0.64
N SER A 260 -14.67 -5.88 0.22
CA SER A 260 -14.30 -4.49 -0.07
C SER A 260 -13.28 -4.04 0.97
N PRO A 261 -12.31 -3.17 0.62
CA PRO A 261 -11.96 -2.90 -0.77
C PRO A 261 -11.62 -4.21 -1.48
N PRO A 262 -11.85 -4.29 -2.80
CA PRO A 262 -11.62 -5.54 -3.52
C PRO A 262 -10.12 -5.75 -3.80
N ASN A 263 -9.68 -6.98 -3.71
CA ASN A 263 -8.40 -7.41 -4.32
C ASN A 263 -8.38 -6.85 -5.73
N GLY A 264 -7.28 -6.19 -6.09
CA GLY A 264 -7.03 -5.71 -7.46
C GLY A 264 -7.11 -4.22 -7.51
N LEU A 265 -7.69 -3.58 -6.48
CA LEU A 265 -7.74 -2.10 -6.29
C LEU A 265 -6.33 -1.61 -5.93
N ILE A 266 -5.81 -0.63 -6.67
CA ILE A 266 -4.56 0.08 -6.27
C ILE A 266 -4.89 1.55 -6.05
N ALA A 267 -3.97 2.28 -5.41
CA ALA A 267 -4.18 3.65 -4.89
C ALA A 267 -2.86 4.40 -4.81
N ILE A 268 -2.83 5.63 -5.32
CA ILE A 268 -1.71 6.60 -5.12
C ILE A 268 -1.89 7.17 -3.71
N LYS A 269 -0.86 7.09 -2.88
CA LYS A 269 -0.84 7.73 -1.53
C LYS A 269 -0.05 9.03 -1.64
N TYR A 270 -0.70 10.16 -1.45
CA TYR A 270 -0.02 11.49 -1.49
C TYR A 270 -0.12 12.19 -0.15
N TRP A 271 0.85 13.10 0.07
CA TRP A 271 0.82 14.15 1.14
C TRP A 271 -0.20 15.19 0.74
N PRO A 272 -1.29 15.45 1.47
CA PRO A 272 -2.07 16.66 1.23
C PRO A 272 -1.26 17.84 1.79
N ILE A 273 -1.42 19.02 1.21
CA ILE A 273 -0.52 20.16 1.50
C ILE A 273 -0.63 20.52 2.99
N ASP A 274 -1.84 20.44 3.58
CA ASP A 274 -2.10 20.93 4.96
C ASP A 274 -1.34 20.05 5.94
N GLN A 275 -1.37 18.74 5.72
CA GLN A 275 -0.58 17.81 6.56
C GLN A 275 0.90 18.07 6.28
N TYR A 276 1.26 18.22 5.01
CA TYR A 276 2.66 18.50 4.61
C TYR A 276 3.09 19.79 5.29
N TYR A 277 2.22 20.79 5.31
CA TYR A 277 2.55 22.06 5.97
C TYR A 277 2.87 21.75 7.43
N TYR A 278 1.92 21.11 8.08
CA TYR A 278 1.93 20.90 9.56
C TYR A 278 3.28 20.30 9.95
N HIS A 279 3.82 19.38 9.16
CA HIS A 279 5.01 18.57 9.53
C HIS A 279 6.30 19.35 9.28
N PHE A 280 6.38 20.15 8.21
CA PHE A 280 7.68 20.52 7.61
C PHE A 280 7.87 22.03 7.44
N ASN A 281 6.84 22.84 7.68
CA ASN A 281 6.87 24.30 7.43
C ASN A 281 8.06 24.95 8.17
N ASP A 282 8.47 24.42 9.34
CA ASP A 282 9.37 25.16 10.27
C ASP A 282 10.86 24.83 10.01
N ASP A 283 11.18 24.16 8.90
CA ASP A 283 12.59 23.84 8.51
C ASP A 283 12.59 23.27 7.09
N LEU A 284 12.05 24.02 6.14
CA LEU A 284 11.59 23.50 4.82
C LEU A 284 12.81 22.95 4.05
N GLU A 285 13.87 23.74 3.90
CA GLU A 285 15.06 23.42 3.07
C GLU A 285 15.62 22.05 3.49
N ASN A 286 15.73 21.80 4.79
CA ASN A 286 16.30 20.55 5.37
C ASN A 286 15.39 19.33 5.04
N TYR A 287 14.09 19.43 5.33
CA TYR A 287 13.08 18.35 5.12
C TYR A 287 13.00 17.92 3.65
N ILE A 288 13.04 18.88 2.72
CA ILE A 288 13.13 18.62 1.24
C ILE A 288 14.47 17.92 0.96
N SER A 289 15.55 18.45 1.54
CA SER A 289 16.93 17.93 1.43
C SER A 289 16.92 16.43 1.77
N LYS A 290 16.17 16.06 2.82
CA LYS A 290 16.09 14.68 3.36
C LYS A 290 15.22 13.78 2.46
N GLY A 291 14.35 14.34 1.63
CA GLY A 291 13.53 13.59 0.65
C GLY A 291 12.04 13.65 0.93
N TYR A 292 11.60 14.54 1.83
CA TYR A 292 10.16 14.85 2.07
C TYR A 292 9.70 15.85 1.01
N LEU A 293 8.98 15.36 -0.01
CA LEU A 293 8.60 16.14 -1.21
C LEU A 293 7.07 16.26 -1.35
N LEU A 294 6.60 17.49 -1.52
CA LEU A 294 5.17 17.78 -1.75
C LEU A 294 4.75 17.09 -3.05
N ASN A 295 3.94 16.05 -2.96
CA ASN A 295 3.45 15.27 -4.13
C ASN A 295 1.92 15.33 -4.22
N ASP A 296 1.32 16.45 -3.79
CA ASP A 296 -0.16 16.59 -3.65
C ASP A 296 -0.88 16.65 -5.00
N ILE A 297 -1.41 15.54 -5.49
CA ILE A 297 -2.05 15.52 -6.84
C ILE A 297 -3.29 16.44 -6.83
N ALA A 298 -4.11 16.40 -5.77
CA ALA A 298 -5.30 17.28 -5.59
C ALA A 298 -4.88 18.75 -5.69
N MET A 299 -3.78 19.15 -5.04
CA MET A 299 -3.27 20.52 -5.18
C MET A 299 -2.91 20.76 -6.65
N TRP A 300 -2.22 19.83 -7.30
CA TRP A 300 -1.85 19.95 -8.74
C TRP A 300 -3.10 20.22 -9.57
N LEU A 301 -4.16 19.44 -9.37
CA LEU A 301 -5.40 19.54 -10.17
C LEU A 301 -6.04 20.91 -9.99
N HIS A 302 -6.04 21.40 -8.74
CA HIS A 302 -6.67 22.69 -8.32
C HIS A 302 -5.91 23.89 -8.93
N THR A 303 -4.58 23.89 -8.87
CA THR A 303 -3.71 24.94 -9.49
C THR A 303 -3.66 24.78 -11.01
N GLY A 304 -3.99 23.61 -11.54
CA GLY A 304 -3.79 23.31 -12.97
C GLY A 304 -2.31 23.15 -13.35
N LYS A 305 -1.40 22.94 -12.39
CA LYS A 305 0.02 22.58 -12.66
C LYS A 305 0.03 21.16 -13.22
N VAL A 306 -1.06 20.42 -13.00
CA VAL A 306 -1.41 19.15 -13.69
C VAL A 306 -2.84 19.33 -14.21
N ILE A 307 -3.21 18.61 -15.26
CA ILE A 307 -4.58 18.63 -15.83
C ILE A 307 -4.93 17.22 -16.30
N LEU A 308 -6.18 16.86 -16.06
CA LEU A 308 -6.80 15.63 -16.59
C LEU A 308 -7.33 15.95 -17.99
N VAL A 309 -7.50 14.90 -18.81
CA VAL A 309 -7.78 14.96 -20.28
C VAL A 309 -8.40 13.60 -20.64
N PRO A 310 -9.42 13.54 -21.50
CA PRO A 310 -10.08 12.25 -21.75
C PRO A 310 -9.03 11.26 -22.28
N SER A 311 -9.24 9.96 -22.05
CA SER A 311 -8.27 8.89 -22.41
C SER A 311 -8.10 8.92 -23.94
N ASP A 312 -9.22 9.00 -24.67
CA ASP A 312 -9.25 9.08 -26.15
C ASP A 312 -9.08 10.55 -26.56
N THR A 313 -7.90 11.13 -26.33
CA THR A 313 -7.56 12.52 -26.71
C THR A 313 -6.41 12.44 -27.71
N PRO A 314 -6.69 11.99 -28.95
CA PRO A 314 -5.65 11.44 -29.82
C PRO A 314 -4.43 12.37 -29.97
N ILE A 315 -3.28 11.77 -30.32
CA ILE A 315 -2.02 12.48 -30.67
C ILE A 315 -1.24 11.62 -31.66
N ASN A 316 -0.58 12.28 -32.60
CA ASN A 316 0.50 11.65 -33.40
C ASN A 316 1.74 11.65 -32.52
N PHE A 317 2.29 10.47 -32.22
CA PHE A 317 3.57 10.30 -31.49
C PHE A 317 4.72 10.72 -32.41
N ASP A 318 4.41 10.91 -33.70
CA ASP A 318 5.40 11.09 -34.79
C ASP A 318 5.72 12.59 -34.88
N LYS A 319 4.72 13.47 -34.77
CA LYS A 319 4.88 14.95 -34.71
C LYS A 319 5.01 15.41 -33.26
N LYS A 320 4.58 14.54 -32.32
CA LYS A 320 4.73 14.67 -30.85
C LYS A 320 4.00 15.93 -30.37
N THR A 321 2.67 15.90 -30.50
CA THR A 321 1.75 16.99 -30.07
C THR A 321 0.50 16.38 -29.49
N ILE A 322 -0.21 17.17 -28.69
CA ILE A 322 -1.45 16.76 -27.96
C ILE A 322 -2.64 17.61 -28.43
N THR A 323 -3.71 16.93 -28.86
CA THR A 323 -4.95 17.50 -29.44
C THR A 323 -5.98 17.75 -28.30
N TYR A 324 -5.83 18.85 -27.55
CA TYR A 324 -6.78 19.21 -26.45
C TYR A 324 -7.30 20.64 -26.61
N ALA A 325 -8.65 20.73 -26.66
CA ALA A 325 -9.47 21.93 -26.95
C ALA A 325 -9.19 22.41 -28.38
N GLY A 326 -9.06 23.72 -28.59
CA GLY A 326 -8.60 24.31 -29.86
C GLY A 326 -7.12 24.64 -29.81
N ILE A 327 -6.32 23.74 -29.20
CA ILE A 327 -4.83 23.87 -29.03
C ILE A 327 -4.15 22.58 -29.49
N GLU A 328 -2.93 22.73 -29.98
CA GLU A 328 -2.04 21.63 -30.42
C GLU A 328 -0.68 21.87 -29.74
N ARG A 329 -0.50 21.36 -28.53
CA ARG A 329 0.72 21.57 -27.73
C ARG A 329 1.72 20.46 -28.05
N SER A 330 2.96 20.83 -28.38
CA SER A 330 4.06 19.88 -28.65
C SER A 330 4.62 19.42 -27.31
N PHE A 331 4.56 18.12 -27.04
CA PHE A 331 5.02 17.52 -25.76
C PHE A 331 6.46 17.03 -25.94
N HIS A 332 7.29 17.27 -24.91
CA HIS A 332 8.71 16.87 -24.86
C HIS A 332 8.88 15.38 -24.54
N GLN A 333 7.93 14.73 -23.83
CA GLN A 333 8.08 13.33 -23.34
C GLN A 333 6.72 12.69 -23.06
N TYR A 334 6.47 11.54 -23.69
CA TYR A 334 5.35 10.62 -23.39
C TYR A 334 5.86 9.52 -22.47
N VAL A 335 5.15 9.22 -21.39
CA VAL A 335 5.49 8.19 -20.37
C VAL A 335 4.37 7.15 -20.30
N LYS A 336 4.59 5.95 -20.84
CA LYS A 336 3.76 4.76 -20.57
C LYS A 336 4.39 4.04 -19.37
N GLY A 337 3.68 3.16 -18.67
CA GLY A 337 4.32 2.39 -17.59
C GLY A 337 3.41 1.40 -16.90
N ASP A 338 3.79 0.10 -16.94
CA ASP A 338 3.16 -1.01 -16.19
C ASP A 338 4.04 -2.25 -16.41
N ALA A 339 4.75 -2.69 -15.37
CA ALA A 339 5.68 -3.86 -15.45
C ALA A 339 5.65 -4.67 -14.14
N GLU A 340 4.53 -4.67 -13.41
CA GLU A 340 4.40 -5.52 -12.20
C GLU A 340 4.44 -6.98 -12.68
N GLN A 341 5.61 -7.38 -13.17
CA GLN A 341 5.90 -8.77 -13.57
C GLN A 341 7.08 -9.23 -12.72
N PRO A 342 6.87 -10.30 -11.92
CA PRO A 342 7.87 -10.78 -10.98
C PRO A 342 9.09 -11.24 -11.78
N ARG A 343 10.29 -11.12 -11.20
CA ARG A 343 11.59 -11.54 -11.83
C ARG A 343 11.80 -13.03 -11.51
N LEU A 344 10.95 -13.90 -12.05
CA LEU A 344 11.07 -15.37 -11.90
C LEU A 344 12.04 -15.89 -12.96
N PRO A 345 13.07 -16.71 -12.62
CA PRO A 345 13.89 -17.37 -13.62
C PRO A 345 13.06 -18.56 -14.10
N THR A 346 13.50 -19.24 -15.16
CA THR A 346 12.74 -20.34 -15.79
C THR A 346 12.60 -21.47 -14.77
N ILE A 347 11.40 -22.00 -14.61
CA ILE A 347 11.10 -23.13 -13.69
C ILE A 347 10.50 -24.26 -14.53
N LEU A 348 11.13 -25.43 -14.52
CA LEU A 348 10.76 -26.61 -15.36
C LEU A 348 10.09 -27.64 -14.47
N ILE A 349 8.78 -27.87 -14.68
CA ILE A 349 7.97 -28.92 -14.00
C ILE A 349 8.47 -30.33 -14.39
N ASN A 350 8.56 -31.25 -13.44
CA ASN A 350 9.17 -32.58 -13.68
C ASN A 350 10.47 -32.35 -14.47
N GLY A 351 11.05 -31.16 -14.33
CA GLY A 351 12.35 -30.72 -14.87
C GLY A 351 12.38 -30.56 -16.38
N GLU A 352 11.22 -30.32 -17.03
CA GLU A 352 11.09 -30.24 -18.52
C GLU A 352 10.09 -29.16 -18.98
N THR A 353 8.83 -29.18 -18.49
CA THR A 353 7.72 -28.27 -18.91
C THR A 353 7.84 -26.90 -18.21
N PRO A 354 7.84 -25.78 -18.96
CA PRO A 354 7.97 -24.46 -18.33
C PRO A 354 6.72 -24.09 -17.56
N PHE A 355 6.96 -23.45 -16.42
CA PHE A 355 5.96 -23.01 -15.41
C PHE A 355 5.43 -21.64 -15.82
N GLU A 356 4.12 -21.46 -15.75
CA GLU A 356 3.44 -20.27 -16.27
C GLU A 356 2.89 -19.53 -15.05
N TYR A 357 3.48 -18.38 -14.72
CA TYR A 357 3.17 -17.65 -13.47
C TYR A 357 1.82 -16.96 -13.63
N LEU A 358 1.01 -16.94 -12.58
CA LEU A 358 -0.34 -16.28 -12.59
C LEU A 358 -0.84 -16.16 -11.15
N TYR A 359 -0.83 -14.94 -10.62
CA TYR A 359 -1.06 -14.69 -9.17
C TYR A 359 -2.25 -15.50 -8.62
N ARG A 360 -3.34 -15.60 -9.37
CA ARG A 360 -4.63 -16.27 -8.99
C ARG A 360 -4.45 -17.80 -8.87
N ASP A 361 -3.41 -18.35 -9.46
CA ASP A 361 -3.20 -19.82 -9.50
C ASP A 361 -2.26 -20.27 -8.39
N THR A 362 -1.70 -19.33 -7.61
CA THR A 362 -0.91 -19.62 -6.38
C THR A 362 -1.85 -19.45 -5.17
N PHE A 363 -1.64 -20.18 -4.07
CA PHE A 363 -2.35 -19.93 -2.79
C PHE A 363 -1.66 -18.79 -2.01
N MET A 364 -2.46 -17.83 -1.55
CA MET A 364 -2.04 -16.66 -0.74
C MET A 364 -0.86 -15.95 -1.40
N GLY A 365 -0.64 -16.15 -2.72
CA GLY A 365 0.43 -15.45 -3.47
C GLY A 365 1.80 -16.11 -3.32
N VAL A 366 1.85 -17.29 -2.68
CA VAL A 366 3.07 -17.93 -2.13
C VAL A 366 3.20 -19.35 -2.66
N ILE A 367 2.11 -20.10 -2.72
CA ILE A 367 2.21 -21.54 -3.08
C ILE A 367 1.70 -21.74 -4.50
N PRO A 368 2.61 -22.10 -5.40
CA PRO A 368 2.26 -22.49 -6.77
C PRO A 368 1.81 -23.96 -6.86
N GLN A 369 1.21 -24.34 -7.98
CA GLN A 369 0.27 -25.49 -8.04
C GLN A 369 0.86 -26.73 -8.69
N ARG A 370 1.77 -26.62 -9.65
CA ARG A 370 2.34 -27.85 -10.26
C ARG A 370 3.74 -28.11 -9.70
N LEU A 371 4.23 -27.24 -8.80
CA LEU A 371 5.63 -27.30 -8.30
C LEU A 371 5.65 -27.91 -6.89
N ASN A 372 6.69 -28.68 -6.59
CA ASN A 372 6.88 -29.22 -5.24
C ASN A 372 7.87 -28.31 -4.51
N ASN A 373 7.64 -28.12 -3.23
CA ASN A 373 8.52 -27.38 -2.29
C ASN A 373 9.07 -26.09 -2.90
N ILE A 374 8.19 -25.27 -3.48
CA ILE A 374 8.62 -23.95 -4.06
C ILE A 374 7.69 -22.86 -3.55
N TYR A 375 8.27 -21.82 -2.96
CA TYR A 375 7.55 -20.73 -2.29
C TYR A 375 7.92 -19.41 -2.99
N PHE A 376 6.93 -18.52 -3.09
CA PHE A 376 7.09 -17.12 -3.57
C PHE A 376 6.95 -16.17 -2.39
N LEU A 377 7.89 -15.22 -2.27
CA LEU A 377 7.94 -14.24 -1.16
C LEU A 377 8.30 -12.87 -1.76
N GLY A 378 7.37 -11.92 -1.74
CA GLY A 378 7.58 -10.52 -2.14
C GLY A 378 6.76 -10.07 -3.33
N TYR A 379 5.76 -10.84 -3.75
CA TYR A 379 4.99 -10.67 -5.01
C TYR A 379 3.53 -10.29 -4.75
N THR A 380 3.09 -10.32 -3.49
CA THR A 380 1.81 -9.71 -3.04
C THR A 380 2.08 -8.23 -2.72
N ARG A 381 1.16 -7.37 -3.17
CA ARG A 381 1.22 -5.90 -3.12
C ARG A 381 0.16 -5.49 -2.12
N PRO A 382 0.53 -4.78 -1.02
CA PRO A 382 -0.45 -4.27 -0.08
C PRO A 382 -1.09 -3.04 -0.72
N PHE A 383 -2.41 -2.89 -0.55
CA PHE A 383 -3.22 -1.80 -1.13
C PHE A 383 -2.91 -0.48 -0.42
N THR A 384 -2.73 -0.51 0.91
CA THR A 384 -2.22 0.63 1.71
C THR A 384 -1.15 0.10 2.65
N GLY A 385 -0.34 0.96 3.25
CA GLY A 385 0.76 0.54 4.13
C GLY A 385 1.94 -0.04 3.37
N GLY A 386 2.99 -0.43 4.10
CA GLY A 386 4.28 -0.91 3.56
C GLY A 386 4.20 -2.39 3.22
N LEU A 387 5.19 -2.89 2.49
CA LEU A 387 5.26 -4.32 2.08
C LEU A 387 5.62 -5.18 3.32
N ALA A 388 6.36 -4.62 4.28
CA ALA A 388 6.81 -5.31 5.50
C ALA A 388 5.70 -6.19 6.04
N ASN A 389 4.53 -5.59 6.29
CA ASN A 389 3.30 -6.26 6.80
C ASN A 389 3.05 -7.57 6.06
N ILE A 390 3.07 -7.53 4.72
CA ILE A 390 2.79 -8.71 3.87
C ILE A 390 3.95 -9.68 4.03
N THR A 391 5.18 -9.29 3.72
CA THR A 391 6.38 -10.18 3.67
C THR A 391 6.66 -10.84 5.04
N GLU A 392 6.40 -10.14 6.15
CA GLU A 392 6.56 -10.72 7.52
C GLU A 392 5.61 -11.92 7.61
N MET A 393 4.32 -11.77 7.28
CA MET A 393 3.33 -12.89 7.42
C MET A 393 3.57 -14.00 6.36
N GLN A 394 3.84 -13.64 5.12
CA GLN A 394 4.40 -14.60 4.15
C GLN A 394 5.59 -15.34 4.77
N SER A 395 6.54 -14.63 5.39
CA SER A 395 7.75 -15.25 5.98
C SER A 395 7.37 -16.31 7.01
N LEU A 396 6.42 -16.01 7.89
CA LEU A 396 5.95 -16.97 8.91
C LEU A 396 5.17 -18.11 8.23
N PHE A 397 4.44 -17.86 7.15
CA PHE A 397 3.61 -18.92 6.50
C PHE A 397 4.56 -19.92 5.86
N ILE A 398 5.57 -19.40 5.16
CA ILE A 398 6.61 -20.21 4.46
C ILE A 398 7.44 -20.96 5.51
N HIS A 399 7.84 -20.32 6.59
CA HIS A 399 8.75 -20.97 7.58
C HIS A 399 8.07 -22.23 8.15
N LYS A 400 6.80 -22.13 8.53
CA LYS A 400 5.97 -23.23 9.12
C LYS A 400 5.80 -24.38 8.10
N LEU A 401 5.58 -24.04 6.85
CA LEU A 401 5.43 -24.99 5.74
C LEU A 401 6.73 -25.77 5.51
N ILE A 402 7.86 -25.06 5.57
CA ILE A 402 9.21 -25.69 5.44
C ILE A 402 9.46 -26.57 6.68
N THR A 403 9.27 -26.04 7.89
CA THR A 403 9.78 -26.70 9.11
C THR A 403 8.76 -27.68 9.70
N GLN A 404 7.46 -27.56 9.39
CA GLN A 404 6.42 -28.37 10.10
C GLN A 404 5.61 -29.18 9.09
N PRO A 405 6.07 -30.42 8.82
CA PRO A 405 5.48 -31.22 7.76
C PRO A 405 3.99 -31.49 7.96
N GLN A 406 3.47 -31.47 9.19
CA GLN A 406 2.00 -31.69 9.33
C GLN A 406 1.28 -30.46 8.79
N PHE A 407 1.80 -29.28 9.06
CA PHE A 407 1.28 -28.02 8.50
C PHE A 407 1.31 -28.10 6.98
N HIS A 408 2.47 -28.44 6.43
CA HIS A 408 2.66 -28.61 4.96
C HIS A 408 1.55 -29.50 4.38
N GLN A 409 1.34 -30.68 4.96
CA GLN A 409 0.36 -31.70 4.51
C GLN A 409 -1.04 -31.08 4.53
N LYS A 410 -1.34 -30.28 5.55
CA LYS A 410 -2.67 -29.71 5.85
C LYS A 410 -3.06 -28.75 4.70
N ILE A 411 -2.12 -27.89 4.29
CA ILE A 411 -2.33 -26.82 3.27
C ILE A 411 -2.43 -27.50 1.90
N HIS A 412 -1.41 -28.33 1.60
CA HIS A 412 -1.21 -28.99 0.28
C HIS A 412 -2.26 -30.07 0.03
N GLN A 413 -2.83 -30.73 1.04
CA GLN A 413 -3.84 -31.80 0.81
C GLN A 413 -4.86 -31.29 -0.22
N ASN A 414 -5.39 -30.10 0.02
CA ASN A 414 -6.56 -29.57 -0.71
C ASN A 414 -6.17 -28.17 -1.20
N LEU A 415 -4.91 -28.05 -1.65
CA LEU A 415 -4.33 -26.80 -2.20
C LEU A 415 -5.28 -26.18 -3.24
N SER A 416 -5.73 -26.91 -4.26
CA SER A 416 -6.53 -26.36 -5.39
C SER A 416 -7.96 -26.06 -4.95
N LYS A 417 -8.45 -26.72 -3.90
CA LYS A 417 -9.80 -26.38 -3.37
C LYS A 417 -9.71 -25.03 -2.66
N ARG A 418 -8.60 -24.83 -1.93
CA ARG A 418 -8.31 -23.56 -1.21
C ARG A 418 -8.21 -22.45 -2.25
N ILE A 419 -7.55 -22.72 -3.38
CA ILE A 419 -7.27 -21.64 -4.37
C ILE A 419 -8.62 -21.24 -4.98
N THR A 420 -9.44 -22.20 -5.40
CA THR A 420 -10.80 -21.93 -5.98
C THR A 420 -11.63 -21.10 -4.99
N ALA A 421 -11.65 -21.53 -3.73
CA ALA A 421 -12.41 -20.88 -2.63
C ALA A 421 -11.85 -19.49 -2.34
N TYR A 422 -10.55 -19.28 -2.49
CA TYR A 422 -9.92 -17.95 -2.32
C TYR A 422 -10.44 -17.01 -3.40
N ASN A 423 -10.36 -17.50 -4.65
CA ASN A 423 -10.65 -16.76 -5.90
C ASN A 423 -12.14 -16.36 -5.89
N GLN A 424 -13.02 -17.27 -5.43
CA GLN A 424 -14.48 -17.07 -5.33
C GLN A 424 -14.79 -15.92 -4.38
N HIS A 425 -14.14 -15.87 -3.22
CA HIS A 425 -14.37 -14.84 -2.16
C HIS A 425 -13.88 -13.48 -2.65
N TYR A 426 -12.68 -13.42 -3.23
CA TYR A 426 -11.95 -12.15 -3.43
C TYR A 426 -12.10 -11.64 -4.87
N TYR A 427 -12.13 -12.52 -5.88
CA TYR A 427 -12.19 -12.10 -7.31
C TYR A 427 -13.57 -12.40 -7.91
N GLY A 428 -14.20 -13.47 -7.45
CA GLY A 428 -15.48 -13.96 -8.00
C GLY A 428 -15.34 -14.46 -9.43
N ALA A 429 -16.09 -13.86 -10.35
CA ALA A 429 -16.20 -14.35 -11.75
C ALA A 429 -15.30 -13.52 -12.69
N ALA A 430 -14.63 -12.50 -12.16
CA ALA A 430 -13.81 -11.55 -12.95
C ALA A 430 -12.61 -12.27 -13.57
N LYS A 431 -12.33 -11.90 -14.81
CA LYS A 431 -11.13 -12.29 -15.59
C LYS A 431 -9.87 -11.79 -14.86
N PRO A 432 -8.76 -12.56 -14.89
CA PRO A 432 -7.50 -12.11 -14.29
C PRO A 432 -7.04 -10.72 -14.76
N ARG A 433 -6.53 -9.90 -13.85
CA ARG A 433 -6.04 -8.52 -14.15
C ARG A 433 -4.62 -8.37 -13.59
N LYS A 434 -3.83 -7.53 -14.24
CA LYS A 434 -2.50 -7.03 -13.78
C LYS A 434 -2.44 -7.00 -12.26
N HIS A 435 -3.40 -6.32 -11.60
CA HIS A 435 -3.29 -5.95 -10.17
C HIS A 435 -3.94 -6.98 -9.25
N ASP A 436 -4.32 -8.16 -9.73
CA ASP A 436 -4.86 -9.24 -8.85
C ASP A 436 -4.00 -9.36 -7.59
N HIS A 437 -2.69 -9.19 -7.70
CA HIS A 437 -1.74 -9.38 -6.57
C HIS A 437 -1.79 -8.25 -5.54
N THR A 438 -2.69 -7.29 -5.67
CA THR A 438 -2.86 -6.23 -4.65
C THR A 438 -4.03 -6.64 -3.76
N VAL A 439 -3.90 -6.35 -2.48
CA VAL A 439 -4.84 -6.85 -1.43
C VAL A 439 -4.82 -5.86 -0.27
N PRO A 440 -5.99 -5.64 0.39
CA PRO A 440 -6.02 -4.93 1.65
C PRO A 440 -5.11 -5.75 2.57
N PHE A 441 -4.16 -5.07 3.21
CA PHE A 441 -3.12 -5.72 4.02
C PHE A 441 -3.83 -6.34 5.23
N GLY A 442 -4.79 -5.61 5.78
CA GLY A 442 -5.57 -6.00 6.96
C GLY A 442 -6.33 -7.28 6.75
N PHE A 443 -6.71 -7.61 5.50
CA PHE A 443 -7.34 -8.93 5.20
C PHE A 443 -6.27 -10.00 5.01
N TYR A 444 -5.18 -9.66 4.31
CA TYR A 444 -4.13 -10.67 3.97
C TYR A 444 -3.51 -11.21 5.26
N THR A 445 -3.25 -10.31 6.23
CA THR A 445 -2.38 -10.62 7.38
C THR A 445 -3.22 -11.54 8.25
N GLU A 446 -4.45 -11.10 8.49
CA GLU A 446 -5.51 -11.90 9.15
C GLU A 446 -5.71 -13.23 8.42
N ASP A 447 -5.86 -13.22 7.09
CA ASP A 447 -5.96 -14.50 6.34
C ASP A 447 -4.79 -15.41 6.75
N ILE A 448 -3.52 -14.98 6.54
CA ILE A 448 -2.27 -15.77 6.83
C ILE A 448 -2.34 -16.26 8.27
N ALA A 449 -2.74 -15.40 9.21
CA ALA A 449 -2.66 -15.68 10.67
C ALA A 449 -3.69 -16.75 11.07
N ARG A 450 -4.78 -16.87 10.33
CA ARG A 450 -5.80 -17.90 10.63
C ARG A 450 -5.38 -19.24 10.01
N LEU A 451 -4.48 -19.19 9.03
CA LEU A 451 -3.90 -20.41 8.42
C LEU A 451 -2.86 -20.96 9.38
N ILE A 452 -2.01 -20.07 9.91
CA ILE A 452 -0.88 -20.45 10.80
C ILE A 452 -1.47 -20.78 12.16
N GLY A 453 -2.52 -20.03 12.53
CA GLY A 453 -3.22 -20.09 13.83
C GLY A 453 -2.62 -19.19 14.90
N ILE A 454 -2.02 -18.04 14.55
CA ILE A 454 -1.46 -17.05 15.53
C ILE A 454 -2.43 -15.85 15.67
N HIS A 455 -3.55 -15.94 14.98
CA HIS A 455 -4.78 -15.09 15.09
C HIS A 455 -5.42 -15.11 16.49
N TYR A 456 -6.34 -14.16 16.67
CA TYR A 456 -7.15 -13.89 17.87
C TYR A 456 -8.57 -14.30 17.58
N GLN A 457 -9.32 -14.63 18.63
CA GLN A 457 -10.75 -15.01 18.58
C GLN A 457 -11.54 -13.82 19.08
N PRO A 458 -12.62 -13.38 18.40
CA PRO A 458 -13.43 -12.28 18.93
C PRO A 458 -14.16 -12.76 20.19
N ASN A 459 -14.63 -14.01 20.17
CA ASN A 459 -15.35 -14.65 21.31
C ASN A 459 -14.51 -14.52 22.57
N GLU A 460 -13.18 -14.45 22.44
CA GLU A 460 -12.21 -14.45 23.58
C GLU A 460 -11.97 -13.04 24.16
N CYS A 461 -12.60 -12.00 23.61
CA CYS A 461 -12.60 -10.63 24.21
C CYS A 461 -13.42 -10.63 25.52
N ARG A 462 -12.88 -10.06 26.60
CA ARG A 462 -13.58 -9.92 27.89
C ARG A 462 -13.89 -8.44 28.20
N SER A 463 -13.01 -7.50 27.84
CA SER A 463 -13.25 -6.04 28.01
C SER A 463 -13.55 -5.38 26.66
N VAL A 464 -14.20 -4.21 26.66
CA VAL A 464 -14.33 -3.36 25.44
C VAL A 464 -12.91 -2.96 25.00
N ARG A 465 -11.97 -2.80 25.95
CA ARG A 465 -10.54 -2.55 25.65
C ARG A 465 -10.03 -3.66 24.73
N ASP A 466 -10.35 -4.92 25.05
CA ASP A 466 -10.02 -6.12 24.24
C ASP A 466 -10.73 -6.07 22.89
N LEU A 467 -11.97 -5.59 22.87
CA LEU A 467 -12.77 -5.44 21.61
C LEU A 467 -12.12 -4.41 20.68
N LEU A 468 -11.45 -3.40 21.25
CA LEU A 468 -10.73 -2.35 20.48
C LEU A 468 -9.46 -2.97 19.90
N PHE A 469 -8.72 -3.71 20.71
CA PHE A 469 -7.51 -4.36 20.21
C PHE A 469 -7.93 -5.18 19.00
N TYR A 470 -8.95 -6.02 19.16
CA TYR A 470 -9.29 -7.00 18.10
C TYR A 470 -9.73 -6.26 16.81
N TYR A 471 -10.65 -5.29 16.88
CA TYR A 471 -11.36 -4.71 15.70
C TYR A 471 -10.67 -3.44 15.16
N ALA A 472 -10.10 -2.63 16.03
CA ALA A 472 -9.62 -1.27 15.70
C ALA A 472 -8.09 -1.22 15.64
N PHE A 473 -7.37 -1.93 16.50
CA PHE A 473 -5.90 -2.06 16.35
C PHE A 473 -5.62 -2.58 14.94
N PRO A 474 -4.81 -1.83 14.16
CA PRO A 474 -4.51 -2.22 12.78
C PRO A 474 -3.88 -3.61 12.70
N ASN A 475 -4.26 -4.41 11.70
CA ASN A 475 -3.79 -5.81 11.52
C ASN A 475 -2.36 -5.83 10.94
N ASN A 476 -1.45 -5.11 11.56
CA ASN A 476 -0.02 -5.14 11.22
C ASN A 476 0.57 -6.49 11.66
N ALA A 477 1.64 -6.91 11.00
CA ALA A 477 2.34 -8.19 11.24
C ALA A 477 2.66 -8.35 12.72
N PHE A 478 3.22 -7.32 13.36
CA PHE A 478 3.66 -7.39 14.77
C PHE A 478 2.43 -7.62 15.64
N LYS A 479 1.24 -7.18 15.21
CA LYS A 479 0.01 -7.44 16.00
C LYS A 479 -0.06 -8.91 16.38
N TYR A 480 0.30 -9.84 15.47
CA TYR A 480 0.16 -11.32 15.63
C TYR A 480 1.47 -11.92 16.16
N ARG A 481 2.35 -11.09 16.72
CA ARG A 481 3.64 -11.59 17.24
C ARG A 481 3.80 -11.13 18.68
N LEU A 482 2.67 -10.94 19.37
CA LEU A 482 2.64 -10.64 20.84
C LEU A 482 2.85 -11.94 21.63
N LYS A 483 2.27 -13.03 21.17
CA LYS A 483 2.35 -14.34 21.84
C LYS A 483 2.28 -15.42 20.76
N GLY A 484 2.25 -16.69 21.17
CA GLY A 484 2.13 -17.84 20.27
C GLY A 484 3.46 -18.18 19.60
N GLU A 485 3.36 -18.94 18.53
CA GLU A 485 4.49 -19.63 17.87
C GLU A 485 5.55 -18.63 17.37
N TYR A 486 5.18 -17.40 17.00
CA TYR A 486 6.11 -16.45 16.35
C TYR A 486 6.30 -15.18 17.21
N ALA A 487 6.03 -15.27 18.52
CA ALA A 487 6.12 -14.13 19.46
C ALA A 487 7.50 -13.51 19.29
N VAL A 488 7.55 -12.19 19.21
CA VAL A 488 8.85 -11.45 19.16
C VAL A 488 8.97 -10.70 20.49
N ASP A 489 10.16 -10.70 21.08
CA ASP A 489 10.49 -9.94 22.32
C ASP A 489 10.23 -8.47 22.05
N GLY A 490 9.52 -7.80 22.94
CA GLY A 490 9.34 -6.33 22.97
C GLY A 490 8.06 -5.85 22.32
N VAL A 491 7.15 -6.76 21.97
CA VAL A 491 5.95 -6.49 21.15
C VAL A 491 4.84 -6.00 22.09
N ASP A 492 4.76 -6.53 23.30
CA ASP A 492 3.82 -6.00 24.33
C ASP A 492 4.06 -4.50 24.51
N GLU A 493 5.31 -4.09 24.67
CA GLU A 493 5.70 -2.67 24.87
C GLU A 493 5.31 -1.84 23.64
N LEU A 494 5.52 -2.38 22.42
CA LEU A 494 5.19 -1.67 21.15
C LEU A 494 3.69 -1.38 21.17
N ILE A 495 2.88 -2.41 21.42
CA ILE A 495 1.41 -2.34 21.47
C ILE A 495 0.99 -1.31 22.52
N GLN A 496 1.64 -1.29 23.68
CA GLN A 496 1.37 -0.30 24.75
C GLN A 496 1.65 1.10 24.21
N LYS A 497 2.89 1.33 23.78
CA LYS A 497 3.36 2.55 23.09
C LYS A 497 2.30 3.03 22.12
N VAL A 498 2.06 2.24 21.09
CA VAL A 498 1.13 2.56 19.96
C VAL A 498 -0.26 2.79 20.56
N ASN A 499 -0.82 1.82 21.27
CA ASN A 499 -2.15 1.99 21.88
C ASN A 499 -2.22 3.39 22.49
N ASP A 500 -1.26 3.73 23.36
CA ASP A 500 -1.28 4.95 24.23
C ASP A 500 -1.22 6.24 23.39
N LYS A 501 -0.72 6.16 22.15
CA LYS A 501 -0.50 7.33 21.26
C LYS A 501 -1.70 7.55 20.35
N HIS A 502 -2.64 6.61 20.25
CA HIS A 502 -3.74 6.66 19.24
C HIS A 502 -5.08 6.49 19.94
N ASP A 503 -5.08 6.62 21.26
CA ASP A 503 -6.25 6.48 22.16
C ASP A 503 -6.94 5.16 21.85
N HIS A 504 -6.15 4.08 21.83
CA HIS A 504 -6.58 2.67 21.71
C HIS A 504 -7.40 2.44 20.43
N TYR A 505 -7.24 3.33 19.44
CA TYR A 505 -7.93 3.31 18.12
C TYR A 505 -9.46 3.39 18.31
N ALA A 506 -9.89 4.14 19.34
CA ALA A 506 -11.31 4.39 19.70
C ALA A 506 -12.04 4.99 18.51
N GLN A 507 -11.42 5.96 17.84
CA GLN A 507 -12.01 6.83 16.80
C GLN A 507 -12.47 5.93 15.67
N VAL A 508 -11.62 4.96 15.33
CA VAL A 508 -11.93 3.96 14.27
C VAL A 508 -13.15 3.16 14.71
N PHE A 509 -13.13 2.66 15.95
CA PHE A 509 -14.20 1.80 16.51
C PHE A 509 -15.52 2.57 16.43
N VAL A 510 -15.46 3.84 16.82
CA VAL A 510 -16.62 4.78 16.88
C VAL A 510 -17.18 5.02 15.46
N GLN A 511 -16.32 5.11 14.43
CA GLN A 511 -16.78 5.32 13.04
C GLN A 511 -17.76 4.19 12.70
N ALA A 512 -17.26 2.95 12.76
CA ALA A 512 -17.99 1.71 12.40
C ALA A 512 -19.33 1.69 13.11
N LEU A 513 -19.35 1.98 14.41
CA LEU A 513 -20.58 2.20 15.24
C LEU A 513 -21.50 3.24 14.59
N SER A 514 -21.02 4.46 14.38
CA SER A 514 -21.78 5.60 13.82
C SER A 514 -22.54 5.18 12.56
N ILE A 515 -21.96 4.36 11.70
CA ILE A 515 -22.51 4.08 10.34
C ILE A 515 -23.20 2.70 10.34
N ARG A 516 -23.44 2.11 11.52
CA ARG A 516 -24.03 0.75 11.64
C ARG A 516 -25.45 0.71 11.08
N ASN A 517 -26.23 1.79 11.16
CA ASN A 517 -27.68 1.82 10.77
C ASN A 517 -27.88 2.44 9.38
N MET A 518 -26.85 3.08 8.84
CA MET A 518 -26.93 3.83 7.57
C MET A 518 -26.93 2.83 6.41
N ASN A 519 -27.43 3.26 5.25
CA ASN A 519 -27.23 2.56 3.95
C ASN A 519 -25.99 3.18 3.32
N SER A 520 -25.55 2.74 2.13
CA SER A 520 -24.23 3.13 1.58
C SER A 520 -24.24 4.63 1.29
N ASP A 521 -25.30 5.16 0.67
CA ASP A 521 -25.49 6.59 0.30
C ASP A 521 -25.49 7.45 1.58
N GLU A 522 -26.14 6.98 2.64
CA GLU A 522 -26.22 7.68 3.96
C GLU A 522 -24.81 7.80 4.54
N ALA A 523 -24.09 6.67 4.63
CA ALA A 523 -22.68 6.56 5.07
C ALA A 523 -21.76 7.48 4.25
N ALA A 524 -21.84 7.44 2.94
CA ALA A 524 -21.08 8.32 2.03
C ALA A 524 -21.23 9.78 2.47
N GLU A 525 -22.48 10.26 2.66
CA GLU A 525 -22.77 11.68 3.01
C GLU A 525 -22.13 12.01 4.37
N TRP A 526 -22.51 11.23 5.39
CA TRP A 526 -21.96 11.31 6.76
C TRP A 526 -20.43 11.35 6.67
N ASP A 527 -19.84 10.52 5.83
CA ASP A 527 -18.37 10.32 5.78
C ASP A 527 -17.69 11.60 5.29
N HIS A 528 -18.41 12.46 4.56
CA HIS A 528 -17.91 13.72 3.96
C HIS A 528 -18.52 14.96 4.63
N SER A 529 -19.41 14.81 5.61
CA SER A 529 -19.97 15.91 6.42
C SER A 529 -19.01 16.36 7.54
N ALA A 530 -17.75 16.65 7.21
CA ALA A 530 -16.72 17.09 8.17
C ALA A 530 -16.14 18.41 7.68
N ARG A 531 -15.56 19.20 8.59
CA ARG A 531 -14.90 20.48 8.23
C ARG A 531 -13.78 20.16 7.21
N ARG A 532 -13.04 19.08 7.45
CA ARG A 532 -12.08 18.44 6.51
C ARG A 532 -12.32 16.93 6.51
N PHE A 533 -12.91 16.34 5.46
CA PHE A 533 -13.02 14.85 5.40
C PHE A 533 -11.64 14.31 5.04
N SER A 534 -11.44 13.01 5.25
CA SER A 534 -10.11 12.33 5.23
C SER A 534 -9.44 12.49 3.86
N PHE A 535 -10.19 12.25 2.78
CA PHE A 535 -9.65 12.01 1.44
C PHE A 535 -10.20 13.03 0.43
N ASN A 536 -9.27 13.73 -0.27
CA ASN A 536 -9.56 14.46 -1.54
C ASN A 536 -10.46 15.68 -1.28
N ASP A 537 -10.20 16.39 -0.18
CA ASP A 537 -10.96 17.57 0.29
C ASP A 537 -10.33 18.84 -0.26
N MET A 538 -11.03 19.43 -1.25
CA MET A 538 -10.60 20.55 -2.12
C MET A 538 -10.91 21.92 -1.48
N ARG A 539 -11.24 21.96 -0.19
CA ARG A 539 -11.48 23.20 0.60
C ARG A 539 -10.20 23.59 1.33
N HIS A 540 -9.25 22.66 1.47
CA HIS A 540 -7.96 22.83 2.21
C HIS A 540 -6.82 22.83 1.20
N LYS A 541 -7.06 23.57 0.12
CA LYS A 541 -6.13 23.71 -1.03
C LYS A 541 -5.87 25.22 -1.24
N GLU A 542 -6.91 26.00 -1.55
CA GLU A 542 -6.77 27.42 -1.96
C GLU A 542 -5.85 28.15 -0.98
N GLY A 543 -6.14 28.04 0.32
CA GLY A 543 -5.42 28.78 1.38
C GLY A 543 -3.99 28.31 1.60
N TYR A 544 -3.37 27.58 0.65
CA TYR A 544 -1.96 27.10 0.78
C TYR A 544 -1.13 27.52 -0.44
N ARG A 545 -1.70 28.39 -1.30
CA ARG A 545 -1.01 28.94 -2.51
C ARG A 545 0.19 29.77 -2.07
N ALA A 546 0.03 30.55 -1.01
CA ALA A 546 1.13 31.28 -0.36
C ALA A 546 2.26 30.29 0.02
N PHE A 547 1.92 29.18 0.69
CA PHE A 547 2.90 28.18 1.21
C PHE A 547 3.57 27.44 0.05
N LEU A 548 2.77 27.05 -0.95
CA LEU A 548 3.27 26.37 -2.18
C LEU A 548 4.44 27.16 -2.74
N ASP A 549 4.32 28.49 -2.76
CA ASP A 549 5.32 29.43 -3.35
C ASP A 549 6.61 29.35 -2.53
N THR A 550 6.46 29.33 -1.21
CA THR A 550 7.58 28.99 -0.29
C THR A 550 8.20 27.68 -0.77
N TYR A 551 7.38 26.63 -0.95
CA TYR A 551 7.85 25.23 -1.18
C TYR A 551 8.72 25.19 -2.43
N LEU A 552 8.29 25.87 -3.50
CA LEU A 552 8.99 25.86 -4.81
C LEU A 552 10.35 26.53 -4.62
N LYS A 553 10.34 27.82 -4.25
CA LYS A 553 11.55 28.62 -3.93
C LYS A 553 12.48 27.78 -3.07
N ALA A 554 11.95 27.22 -1.99
CA ALA A 554 12.68 26.35 -1.03
C ALA A 554 13.26 25.13 -1.74
N TYR A 555 12.45 24.43 -2.55
CA TYR A 555 12.86 23.24 -3.32
C TYR A 555 14.02 23.65 -4.24
N ARG A 556 13.79 24.70 -5.00
CA ARG A 556 14.76 25.18 -6.02
C ARG A 556 16.10 25.52 -5.36
N GLN A 557 16.11 25.88 -4.08
CA GLN A 557 17.37 26.24 -3.37
C GLN A 557 18.22 24.98 -3.09
N VAL A 558 17.65 23.92 -2.47
CA VAL A 558 18.41 22.68 -2.12
C VAL A 558 18.92 22.06 -3.43
N GLU A 559 18.19 22.25 -4.55
CA GLU A 559 18.40 21.53 -5.83
C GLU A 559 19.04 22.45 -6.91
N ASN A 560 19.49 23.65 -6.56
CA ASN A 560 20.25 24.59 -7.44
C ASN A 560 19.47 24.86 -8.74
N ILE A 561 18.24 25.37 -8.63
CA ILE A 561 17.35 25.63 -9.82
C ILE A 561 17.17 27.14 -10.01
N SER A 562 17.20 27.58 -11.27
CA SER A 562 16.57 28.85 -11.76
C SER A 562 15.55 28.50 -12.84
N VAL A 563 14.37 29.14 -12.82
CA VAL A 563 13.21 28.76 -13.67
C VAL A 563 12.59 29.98 -14.37
N ASP A 564 12.92 31.21 -13.94
CA ASP A 564 12.53 32.48 -14.63
C ASP A 564 11.00 32.60 -14.58
N ASP A 565 10.44 32.71 -13.37
CA ASP A 565 9.06 32.24 -13.07
C ASP A 565 7.99 33.27 -13.45
N THR A 566 8.32 34.28 -14.27
CA THR A 566 7.33 35.30 -14.75
C THR A 566 6.80 34.86 -16.13
N VAL A 567 7.33 33.78 -16.69
CA VAL A 567 7.02 33.30 -18.08
C VAL A 567 5.52 32.96 -18.19
N VAL A 568 4.90 33.22 -19.34
CA VAL A 568 3.46 32.91 -19.57
C VAL A 568 3.34 31.82 -20.64
N ASP A 569 3.15 30.56 -20.22
CA ASP A 569 2.75 29.41 -21.07
C ASP A 569 1.28 29.63 -21.47
N GLU A 570 0.99 30.78 -22.07
CA GLU A 570 -0.39 31.32 -22.24
C GLU A 570 -1.36 30.22 -22.71
N GLU A 571 -0.99 29.42 -23.70
CA GLU A 571 -1.83 28.29 -24.21
C GLU A 571 -2.15 27.32 -23.06
N TRP A 572 -1.19 26.98 -22.20
CA TRP A 572 -1.37 26.09 -21.02
C TRP A 572 -2.46 26.66 -20.08
N ASN A 573 -2.33 27.94 -19.69
CA ASN A 573 -3.33 28.72 -18.93
C ASN A 573 -4.72 28.49 -19.53
N PHE A 574 -4.83 28.45 -20.86
CA PHE A 574 -6.11 28.24 -21.58
C PHE A 574 -6.49 26.74 -21.62
N MET A 575 -5.51 25.84 -21.51
CA MET A 575 -5.73 24.36 -21.46
C MET A 575 -6.26 24.01 -20.07
N VAL A 576 -5.71 24.71 -19.08
CA VAL A 576 -6.11 24.59 -17.65
C VAL A 576 -7.56 25.03 -17.53
N LYS A 577 -7.90 26.19 -18.09
CA LYS A 577 -9.27 26.77 -18.02
C LYS A 577 -10.26 25.76 -18.61
N GLU A 578 -9.98 25.16 -19.76
CA GLU A 578 -10.95 24.21 -20.37
C GLU A 578 -11.02 22.95 -19.48
N ALA A 579 -9.92 22.54 -18.87
CA ALA A 579 -9.82 21.27 -18.09
C ALA A 579 -10.70 21.37 -16.83
N CYS A 580 -10.62 22.53 -16.17
CA CYS A 580 -11.21 22.81 -14.84
C CYS A 580 -12.63 23.39 -15.01
N GLN A 581 -13.38 22.96 -16.02
CA GLN A 581 -14.72 23.55 -16.33
C GLN A 581 -15.69 23.11 -15.26
N VAL A 582 -15.88 21.79 -15.16
CA VAL A 582 -16.76 21.15 -14.13
C VAL A 582 -16.42 21.77 -12.77
N ARG A 583 -15.14 21.95 -12.47
CA ARG A 583 -14.70 22.58 -11.19
C ARG A 583 -15.35 23.95 -11.07
N ASP A 584 -15.23 24.77 -12.10
CA ASP A 584 -15.61 26.21 -12.03
C ASP A 584 -17.12 26.30 -11.90
N LYS A 585 -17.83 25.30 -12.43
CA LYS A 585 -19.29 25.15 -12.26
C LYS A 585 -19.60 24.75 -10.81
N VAL A 586 -18.92 23.73 -10.27
CA VAL A 586 -19.37 22.91 -9.09
C VAL A 586 -18.79 23.43 -7.76
N ALA A 587 -17.54 23.90 -7.72
CA ALA A 587 -16.86 24.39 -6.48
C ALA A 587 -17.57 25.59 -5.86
N PRO A 588 -18.24 26.48 -6.63
CA PRO A 588 -19.04 27.56 -6.03
C PRO A 588 -20.30 27.07 -5.30
N ASN A 589 -20.61 25.76 -5.34
CA ASN A 589 -21.76 25.15 -4.61
C ASN A 589 -21.37 24.73 -3.20
N ILE A 590 -20.19 25.11 -2.71
CA ILE A 590 -19.66 24.70 -1.37
C ILE A 590 -20.51 25.36 -0.26
N GLU A 591 -21.20 24.56 0.58
CA GLU A 591 -21.83 24.94 1.89
C GLU A 591 -22.92 25.98 1.62
N SER A 597 -23.26 15.46 11.07
CA SER A 597 -21.81 15.67 10.87
C SER A 597 -21.00 14.69 11.75
N LYS A 598 -20.12 13.95 11.06
CA LYS A 598 -19.12 12.98 11.59
C LYS A 598 -18.34 13.58 12.77
N ASP A 599 -17.90 14.85 12.68
CA ASP A 599 -17.04 15.53 13.70
C ASP A 599 -17.65 15.38 15.11
N GLU A 600 -18.97 15.46 15.21
CA GLU A 600 -19.75 15.52 16.47
C GLU A 600 -19.92 14.11 17.03
N ASP A 601 -20.51 13.25 16.19
CA ASP A 601 -20.82 11.83 16.46
C ASP A 601 -19.57 11.16 17.02
N VAL A 602 -18.45 11.26 16.29
CA VAL A 602 -17.08 10.84 16.72
C VAL A 602 -16.73 11.47 18.08
N ASN A 603 -16.99 12.76 18.24
CA ASN A 603 -16.66 13.46 19.51
C ASN A 603 -17.39 12.76 20.66
N LYS A 604 -18.68 12.41 20.51
CA LYS A 604 -19.48 11.80 21.61
C LYS A 604 -19.17 10.29 21.68
N GLY A 605 -18.92 9.66 20.54
CA GLY A 605 -18.52 8.25 20.49
C GLY A 605 -17.29 8.02 21.36
N ILE A 606 -16.19 8.73 21.08
CA ILE A 606 -14.92 8.59 21.87
C ILE A 606 -15.21 8.79 23.35
N ARG A 607 -16.13 9.68 23.73
CA ARG A 607 -16.57 9.88 25.14
C ARG A 607 -17.07 8.55 25.74
N LEU A 608 -18.16 7.96 25.19
CA LEU A 608 -18.75 6.68 25.64
C LEU A 608 -17.66 5.61 25.81
N ILE A 609 -16.76 5.47 24.83
CA ILE A 609 -15.82 4.31 24.78
C ILE A 609 -14.73 4.48 25.83
N LEU A 610 -14.08 5.64 25.90
CA LEU A 610 -12.89 5.81 26.80
C LEU A 610 -13.33 5.71 28.26
N SER A 611 -14.62 5.94 28.53
CA SER A 611 -15.24 5.80 29.87
C SER A 611 -15.40 4.31 30.22
N ILE A 612 -15.96 3.49 29.31
CA ILE A 612 -16.30 2.04 29.55
C ILE A 612 -15.19 1.08 29.04
N LEU A 613 -13.96 1.55 28.87
CA LEU A 613 -12.75 0.75 28.46
C LEU A 613 -12.70 -0.60 29.19
N ASP A 614 -12.95 -0.63 30.49
CA ASP A 614 -12.60 -1.78 31.35
C ASP A 614 -13.84 -2.57 31.76
N SER A 615 -15.02 -2.20 31.25
CA SER A 615 -16.29 -2.95 31.46
C SER A 615 -16.20 -4.35 30.84
N ASP A 616 -16.58 -5.38 31.57
CA ASP A 616 -16.89 -6.73 31.02
C ASP A 616 -17.90 -6.54 29.89
N ILE A 617 -17.67 -7.18 28.73
CA ILE A 617 -18.49 -7.04 27.51
C ILE A 617 -19.81 -7.83 27.68
N SER A 618 -19.72 -9.09 28.09
CA SER A 618 -20.87 -10.03 28.27
C SER A 618 -21.81 -9.49 29.36
N SER A 619 -21.26 -8.79 30.35
CA SER A 619 -22.01 -8.20 31.49
C SER A 619 -22.95 -7.08 31.00
N LEU A 620 -22.57 -6.37 29.93
CA LEU A 620 -23.17 -5.09 29.43
C LEU A 620 -24.70 -5.12 29.48
N PRO A 621 -25.34 -4.07 30.07
CA PRO A 621 -26.79 -4.07 30.30
C PRO A 621 -27.56 -4.04 28.96
N ASP A 622 -28.89 -4.13 28.99
CA ASP A 622 -29.73 -4.38 27.79
C ASP A 622 -30.72 -3.23 27.56
N ALA A 643 -26.01 4.52 24.06
CA ALA A 643 -27.04 5.06 23.16
C ALA A 643 -27.68 3.95 22.32
N GLN A 644 -27.95 2.76 22.91
CA GLN A 644 -28.44 1.50 22.27
C GLN A 644 -27.37 0.88 21.36
N SER A 645 -26.13 1.36 21.47
CA SER A 645 -24.94 0.89 20.72
C SER A 645 -24.33 -0.31 21.45
N ILE A 646 -24.58 -0.38 22.76
CA ILE A 646 -24.10 -1.42 23.71
C ILE A 646 -24.56 -2.81 23.23
N GLU A 647 -25.73 -2.91 22.60
CA GLU A 647 -26.30 -4.20 22.17
C GLU A 647 -25.51 -4.71 20.96
N PHE A 648 -25.14 -3.83 20.03
CA PHE A 648 -24.24 -4.10 18.86
C PHE A 648 -22.82 -4.47 19.33
N ILE A 649 -22.34 -3.79 20.37
CA ILE A 649 -21.02 -4.04 21.01
C ILE A 649 -21.00 -5.41 21.68
N ARG A 650 -22.11 -5.89 22.20
CA ARG A 650 -22.19 -7.29 22.69
C ARG A 650 -21.98 -8.20 21.48
N ARG A 651 -22.78 -7.99 20.42
CA ARG A 651 -22.83 -8.87 19.23
C ARG A 651 -21.43 -8.95 18.62
N LEU A 652 -20.51 -8.07 19.06
CA LEU A 652 -19.11 -8.04 18.57
C LEU A 652 -18.33 -9.31 19.00
N LEU A 653 -18.78 -10.04 20.04
CA LEU A 653 -18.19 -11.34 20.46
C LEU A 653 -18.59 -12.47 19.49
N GLN A 654 -19.68 -12.31 18.74
CA GLN A 654 -20.28 -13.36 17.90
C GLN A 654 -20.64 -12.76 16.56
N PRO A 655 -19.64 -12.43 15.70
CA PRO A 655 -19.89 -11.94 14.34
C PRO A 655 -20.41 -12.99 13.33
N LYS A 656 -21.29 -12.56 12.43
CA LYS A 656 -22.00 -13.44 11.48
C LYS A 656 -21.06 -13.90 10.36
N ASN A 657 -20.13 -13.05 9.92
CA ASN A 657 -19.38 -13.16 8.63
C ASN A 657 -17.91 -13.54 8.85
N TYR A 658 -17.63 -14.39 9.84
CA TYR A 658 -16.28 -14.91 10.19
C TYR A 658 -15.86 -16.01 9.20
N GLU A 659 -16.81 -16.66 8.50
CA GLU A 659 -16.53 -17.82 7.60
C GLU A 659 -15.59 -17.38 6.47
N LEU A 660 -14.45 -18.08 6.34
CA LEU A 660 -13.46 -18.02 5.23
C LEU A 660 -13.22 -19.43 4.69
N LEU A 661 -13.82 -19.79 3.57
CA LEU A 661 -13.88 -21.22 3.17
C LEU A 661 -12.51 -21.73 2.74
N PHE A 662 -11.58 -20.84 2.44
CA PHE A 662 -10.21 -21.24 2.05
C PHE A 662 -9.34 -21.55 3.26
N ILE A 663 -9.80 -21.32 4.51
CA ILE A 663 -8.97 -21.60 5.73
C ILE A 663 -9.33 -22.97 6.35
N ARG A 664 -10.57 -23.17 6.76
CA ARG A 664 -11.07 -24.51 7.21
C ARG A 664 -10.93 -25.53 6.06
#